data_5AN5
#
_entry.id   5AN5
#
_cell.length_a   32.594
_cell.length_b   36.203
_cell.length_c   43.179
_cell.angle_alpha   85.59
_cell.angle_beta   89.32
_cell.angle_gamma   65.53
#
_symmetry.space_group_name_H-M   'P 1'
#
loop_
_entity.id
_entity.type
_entity.pdbx_description
1 polymer 'CELL CYCLE PROTEIN GPSB'
2 non-polymer GLYCEROL
3 water water
#
_entity_poly.entity_id   1
_entity_poly.type   'polypeptide(L)'
_entity_poly.pdbx_seq_one_letter_code
;GSMATNFDILKRLSNLEKHVFGSKLYD
;
_entity_poly.pdbx_strand_id   B,C,D,E,F,G,H,I,J
#
loop_
_chem_comp.id
_chem_comp.type
_chem_comp.name
_chem_comp.formula
GOL non-polymer GLYCEROL 'C3 H8 O3'
#
# COMPACT_ATOMS: atom_id res chain seq x y z
N SER A 2 -28.99 -1.11 -1.34
CA SER A 2 -28.80 -0.12 -0.28
C SER A 2 -27.65 0.81 -0.64
N MET A 3 -27.67 2.01 -0.07
CA MET A 3 -26.58 2.94 -0.30
C MET A 3 -25.27 2.32 0.13
N ALA A 4 -25.31 1.55 1.22
CA ALA A 4 -24.13 0.87 1.73
C ALA A 4 -23.49 -0.05 0.71
N THR A 5 -24.31 -0.91 0.14
CA THR A 5 -23.85 -1.86 -0.87
C THR A 5 -23.33 -1.09 -2.03
N ASN A 6 -24.06 -0.05 -2.39
CA ASN A 6 -23.71 0.67 -3.58
C ASN A 6 -22.42 1.45 -3.40
N PHE A 7 -22.22 2.05 -2.23
CA PHE A 7 -20.97 2.75 -1.96
C PHE A 7 -19.80 1.76 -1.97
N ASP A 8 -19.99 0.58 -1.40
CA ASP A 8 -18.95 -0.45 -1.40
C ASP A 8 -18.55 -0.83 -2.82
N ILE A 9 -19.55 -1.07 -3.64
CA ILE A 9 -19.31 -1.46 -5.02
C ILE A 9 -18.50 -0.37 -5.74
N LEU A 10 -18.98 0.87 -5.64
CA LEU A 10 -18.35 1.96 -6.37
C LEU A 10 -16.95 2.28 -5.85
N LYS A 11 -16.75 2.26 -4.55
CA LYS A 11 -15.42 2.51 -4.00
C LYS A 11 -14.46 1.44 -4.49
N ARG A 12 -14.88 0.19 -4.42
CA ARG A 12 -13.99 -0.92 -4.75
C ARG A 12 -13.67 -0.92 -6.23
N LEU A 13 -14.69 -0.73 -7.06
CA LEU A 13 -14.48 -0.67 -8.50
C LEU A 13 -13.58 0.49 -8.88
N SER A 14 -13.87 1.67 -8.38
CA SER A 14 -13.13 2.88 -8.72
CA SER A 14 -13.12 2.87 -8.74
CA SER A 14 -13.10 2.83 -8.82
C SER A 14 -11.67 2.79 -8.28
N ASN A 15 -11.43 2.27 -7.08
CA ASN A 15 -10.07 2.10 -6.60
C ASN A 15 -9.29 1.10 -7.46
N LEU A 16 -9.92 0.01 -7.88
CA LEU A 16 -9.25 -0.93 -8.76
C LEU A 16 -8.92 -0.27 -10.09
N GLU A 17 -9.82 0.54 -10.62
CA GLU A 17 -9.53 1.27 -11.86
C GLU A 17 -8.33 2.20 -11.69
N LYS A 18 -8.27 2.92 -10.58
CA LYS A 18 -7.14 3.78 -10.33
C LYS A 18 -5.84 2.99 -10.27
N HIS A 19 -5.88 1.85 -9.58
CA HIS A 19 -4.71 1.00 -9.47
C HIS A 19 -4.27 0.43 -10.82
N VAL A 20 -5.20 -0.13 -11.57
CA VAL A 20 -4.87 -0.84 -12.78
C VAL A 20 -4.57 0.12 -13.94
N PHE A 21 -5.35 1.19 -14.04
CA PHE A 21 -5.21 2.14 -15.15
C PHE A 21 -4.39 3.38 -14.78
N GLY A 22 -4.40 3.79 -13.51
CA GLY A 22 -3.59 4.92 -13.07
C GLY A 22 -3.93 6.20 -13.80
N GLY B 1 -4.77 1.93 5.96
CA GLY B 1 -6.21 2.04 5.97
C GLY B 1 -6.75 2.44 4.60
N SER B 2 -6.10 3.44 4.01
CA SER B 2 -6.52 3.98 2.72
C SER B 2 -6.03 3.07 1.61
N MET B 3 -6.64 3.19 0.42
CA MET B 3 -6.13 2.48 -0.74
C MET B 3 -4.68 2.86 -0.98
N ALA B 4 -4.29 4.11 -0.79
CA ALA B 4 -2.92 4.48 -1.10
C ALA B 4 -1.95 3.69 -0.21
N THR B 5 -2.24 3.58 1.07
CA THR B 5 -1.35 2.84 1.96
C THR B 5 -1.38 1.35 1.61
N ASN B 6 -2.57 0.80 1.52
CA ASN B 6 -2.70 -0.64 1.54
C ASN B 6 -2.42 -1.26 0.19
N PHE B 7 -2.90 -0.64 -0.89
CA PHE B 7 -2.69 -1.22 -2.21
C PHE B 7 -1.20 -1.29 -2.49
N ASP B 8 -0.47 -0.24 -2.11
CA ASP B 8 0.93 -0.22 -2.43
C ASP B 8 1.74 -1.25 -1.65
N ILE B 9 1.42 -1.42 -0.37
CA ILE B 9 2.08 -2.44 0.42
C ILE B 9 1.84 -3.82 -0.22
N LEU B 10 0.59 -4.11 -0.57
CA LEU B 10 0.26 -5.43 -1.08
C LEU B 10 0.86 -5.69 -2.46
N LYS B 11 0.83 -4.69 -3.32
CA LYS B 11 1.45 -4.80 -4.64
C LYS B 11 2.94 -5.07 -4.51
N ARG B 12 3.62 -4.29 -3.68
CA ARG B 12 5.06 -4.42 -3.56
C ARG B 12 5.44 -5.79 -2.98
N LEU B 13 4.69 -6.24 -1.99
CA LEU B 13 4.97 -7.53 -1.38
C LEU B 13 4.78 -8.65 -2.38
N SER B 14 3.68 -8.63 -3.13
CA SER B 14 3.45 -9.66 -4.11
C SER B 14 4.50 -9.64 -5.21
N ASN B 15 4.89 -8.44 -5.66
CA ASN B 15 5.89 -8.34 -6.70
C ASN B 15 7.23 -8.90 -6.25
N LEU B 16 7.58 -8.68 -4.98
CA LEU B 16 8.81 -9.29 -4.46
C LEU B 16 8.72 -10.81 -4.53
N GLU B 17 7.59 -11.38 -4.13
CA GLU B 17 7.44 -12.85 -4.19
C GLU B 17 7.55 -13.38 -5.61
N LYS B 18 6.86 -12.72 -6.53
CA LYS B 18 6.88 -13.13 -7.92
C LYS B 18 8.29 -13.13 -8.49
N HIS B 19 9.06 -12.10 -8.16
CA HIS B 19 10.40 -12.00 -8.68
C HIS B 19 11.35 -13.00 -7.99
N VAL B 20 11.36 -12.98 -6.67
CA VAL B 20 12.31 -13.77 -5.90
C VAL B 20 12.09 -15.26 -6.13
N PHE B 21 10.84 -15.70 -6.16
CA PHE B 21 10.54 -17.13 -6.27
C PHE B 21 10.19 -17.59 -7.68
N GLY B 22 10.16 -16.65 -8.62
CA GLY B 22 9.67 -16.90 -9.97
C GLY B 22 10.65 -17.42 -10.99
N SER C 2 -7.77 -6.14 10.18
CA SER C 2 -6.43 -5.68 9.82
C SER C 2 -6.02 -6.28 8.49
N MET C 3 -5.76 -5.41 7.52
CA MET C 3 -5.33 -5.81 6.21
C MET C 3 -4.05 -6.66 6.34
N ALA C 4 -3.13 -6.21 7.17
CA ALA C 4 -1.86 -6.90 7.29
C ALA C 4 -2.03 -8.34 7.79
N THR C 5 -2.95 -8.54 8.72
CA THR C 5 -3.29 -9.86 9.21
C THR C 5 -3.93 -10.69 8.11
N ASN C 6 -4.90 -10.08 7.43
CA ASN C 6 -5.62 -10.71 6.33
C ASN C 6 -4.71 -11.25 5.24
N PHE C 7 -3.62 -10.51 4.96
CA PHE C 7 -2.73 -10.87 3.88
C PHE C 7 -1.41 -11.47 4.37
N ASP C 8 -1.36 -11.89 5.63
N ASP C 8 -1.38 -11.85 5.66
CA ASP C 8 -0.21 -12.66 6.13
CA ASP C 8 -0.27 -12.63 6.24
C ASP C 8 1.10 -11.90 5.95
C ASP C 8 1.07 -11.92 5.98
N ILE C 9 1.08 -10.59 6.12
CA ILE C 9 2.22 -9.79 5.70
C ILE C 9 3.51 -10.10 6.48
N LEU C 10 3.41 -10.20 7.80
CA LEU C 10 4.62 -10.42 8.58
C LEU C 10 5.29 -11.73 8.22
N LYS C 11 4.50 -12.78 8.09
CA LYS C 11 5.06 -14.06 7.73
C LYS C 11 5.68 -14.01 6.34
N ARG C 12 4.99 -13.36 5.40
CA ARG C 12 5.49 -13.27 4.04
C ARG C 12 6.78 -12.47 3.96
N LEU C 13 6.88 -11.39 4.73
CA LEU C 13 8.15 -10.64 4.80
C LEU C 13 9.27 -11.49 5.37
N SER C 14 8.99 -12.19 6.47
CA SER C 14 9.98 -13.04 7.10
CA SER C 14 9.98 -13.05 7.10
C SER C 14 10.48 -14.10 6.12
N ASN C 15 9.58 -14.74 5.39
N ASN C 15 9.55 -14.73 5.40
CA ASN C 15 10.02 -15.78 4.45
CA ASN C 15 9.87 -15.73 4.39
C ASN C 15 10.82 -15.19 3.30
C ASN C 15 10.82 -15.15 3.35
N LEU C 16 10.47 -13.99 2.83
CA LEU C 16 11.27 -13.34 1.81
C LEU C 16 12.66 -13.00 2.35
N GLU C 17 12.74 -12.44 3.55
CA GLU C 17 14.04 -12.08 4.10
C GLU C 17 14.93 -13.29 4.29
N LYS C 18 14.38 -14.34 4.86
CA LYS C 18 15.16 -15.56 5.07
C LYS C 18 15.71 -16.05 3.75
N HIS C 19 14.88 -16.00 2.72
CA HIS C 19 15.31 -16.53 1.44
C HIS C 19 16.34 -15.64 0.74
N VAL C 20 16.02 -14.35 0.62
CA VAL C 20 16.90 -13.41 -0.06
C VAL C 20 18.25 -13.32 0.64
N PHE C 21 18.25 -13.18 1.95
CA PHE C 21 19.49 -13.02 2.67
C PHE C 21 20.22 -14.33 2.94
N GLY C 22 19.52 -15.46 2.79
CA GLY C 22 20.11 -16.76 3.02
C GLY C 22 21.21 -17.15 2.05
N SER C 23 21.22 -16.55 0.86
CA SER C 23 22.29 -16.78 -0.10
C SER C 23 23.40 -15.73 0.00
N LYS C 24 23.09 -14.57 0.55
CA LYS C 24 24.01 -13.43 0.62
C LYS C 24 24.85 -13.38 1.89
N LEU C 25 24.40 -14.07 2.93
CA LEU C 25 25.00 -14.02 4.24
C LEU C 25 25.12 -15.41 4.79
N TYR C 26 26.21 -15.66 5.52
CA TYR C 26 26.30 -16.87 6.32
C TYR C 26 25.53 -16.67 7.59
N ASP C 27 24.75 -17.67 7.96
CA ASP C 27 23.96 -17.63 9.18
C ASP C 27 24.44 -18.75 10.10
C ALA D 4 -5.37 23.07 4.07
N THR D 5 -5.29 23.67 5.25
CA THR D 5 -4.10 23.53 6.09
C THR D 5 -3.92 22.06 6.49
N ASN D 6 -5.01 21.42 6.89
CA ASN D 6 -4.93 20.02 7.34
C ASN D 6 -4.55 19.07 6.21
N PHE D 7 -5.10 19.29 5.02
CA PHE D 7 -4.67 18.54 3.86
C PHE D 7 -3.17 18.71 3.63
N ASP D 8 -2.68 19.94 3.72
CA ASP D 8 -1.26 20.16 3.45
C ASP D 8 -0.40 19.44 4.47
N ILE D 9 -0.82 19.45 5.74
CA ILE D 9 -0.10 18.70 6.76
C ILE D 9 -0.06 17.22 6.40
N LEU D 10 -1.20 16.64 6.06
CA LEU D 10 -1.25 15.21 5.76
C LEU D 10 -0.50 14.87 4.49
N LYS D 11 -0.55 15.77 3.50
CA LYS D 11 0.16 15.53 2.25
C LYS D 11 1.67 15.66 2.45
N ARG D 12 2.10 16.62 3.25
CA ARG D 12 3.52 16.73 3.56
C ARG D 12 4.02 15.50 4.31
N LEU D 13 3.23 15.03 5.26
CA LEU D 13 3.55 13.82 5.99
C LEU D 13 3.66 12.63 5.03
N SER D 14 2.66 12.49 4.18
CA SER D 14 2.63 11.40 3.21
C SER D 14 3.79 11.49 2.21
N ASN D 15 4.18 12.70 1.81
CA ASN D 15 5.31 12.85 0.90
C ASN D 15 6.62 12.43 1.56
N LEU D 16 6.78 12.73 2.84
CA LEU D 16 7.95 12.24 3.55
C LEU D 16 7.97 10.71 3.58
N GLU D 17 6.82 10.11 3.91
CA GLU D 17 6.71 8.66 3.97
C GLU D 17 7.00 8.03 2.60
N LYS D 18 6.44 8.63 1.55
CA LYS D 18 6.63 8.05 0.23
C LYS D 18 8.11 8.07 -0.19
N HIS D 19 8.84 9.12 0.19
CA HIS D 19 10.26 9.18 -0.13
C HIS D 19 11.07 8.21 0.70
N VAL D 20 10.82 8.19 2.01
CA VAL D 20 11.58 7.36 2.91
C VAL D 20 11.37 5.88 2.62
N PHE D 21 10.16 5.49 2.22
CA PHE D 21 9.84 4.08 2.02
C PHE D 21 9.73 3.67 0.58
N GLY D 22 9.93 4.59 -0.35
CA GLY D 22 9.86 4.26 -1.76
C GLY D 22 8.48 3.83 -2.24
N SER D 23 7.45 4.49 -1.74
CA SER D 23 6.06 4.14 -2.02
C SER D 23 5.40 4.99 -3.09
N LYS D 24 4.33 4.47 -3.67
CA LYS D 24 3.48 5.19 -4.62
C LYS D 24 2.45 6.03 -3.86
N LEU D 25 2.16 7.22 -4.38
CA LEU D 25 1.06 8.02 -3.92
C LEU D 25 0.44 8.68 -5.15
N TYR D 26 -0.86 8.95 -5.10
CA TYR D 26 -1.54 9.61 -6.21
C TYR D 26 -1.73 11.09 -5.96
N ASP D 27 -1.63 11.85 -7.05
CA ASP D 27 -2.01 13.25 -7.03
C ASP D 27 -3.51 13.41 -6.85
N MET E 3 -5.99 17.81 15.42
CA MET E 3 -4.87 17.16 14.76
C MET E 3 -3.68 17.07 15.71
N ALA E 4 -3.54 18.10 16.54
CA ALA E 4 -2.42 18.15 17.47
C ALA E 4 -2.44 17.00 18.48
N THR E 5 -3.61 16.43 18.73
CA THR E 5 -3.77 15.27 19.61
C THR E 5 -4.23 14.02 18.86
N ASN E 6 -3.94 13.95 17.56
CA ASN E 6 -4.25 12.75 16.77
C ASN E 6 -3.12 11.74 16.89
N PHE E 7 -3.41 10.59 17.49
CA PHE E 7 -2.36 9.61 17.79
C PHE E 7 -1.63 9.12 16.53
N ASP E 8 -2.39 8.80 15.48
CA ASP E 8 -1.78 8.32 14.25
C ASP E 8 -0.79 9.32 13.67
N ILE E 9 -1.15 10.59 13.65
CA ILE E 9 -0.26 11.60 13.10
C ILE E 9 0.99 11.74 13.95
N LEU E 10 0.81 11.78 15.26
CA LEU E 10 1.93 11.92 16.17
C LEU E 10 2.86 10.72 16.07
N LYS E 11 2.30 9.53 15.95
CA LYS E 11 3.11 8.34 15.83
C LYS E 11 3.84 8.28 14.49
N ARG E 12 3.18 8.70 13.43
CA ARG E 12 3.83 8.74 12.13
C ARG E 12 5.02 9.69 12.16
N LEU E 13 4.87 10.84 12.80
CA LEU E 13 5.97 11.79 12.92
C LEU E 13 7.11 11.21 13.75
N SER E 14 6.78 10.61 14.88
CA SER E 14 7.81 10.02 15.74
CA SER E 14 7.82 10.04 15.73
CA SER E 14 7.78 9.99 15.75
C SER E 14 8.55 8.90 15.02
N ASN E 15 7.84 8.07 14.28
CA ASN E 15 8.48 7.00 13.53
C ASN E 15 9.44 7.56 12.49
N LEU E 16 9.02 8.58 11.76
CA LEU E 16 9.92 9.21 10.79
C LEU E 16 11.15 9.78 11.47
N GLU E 17 10.95 10.47 12.59
CA GLU E 17 12.07 11.07 13.30
C GLU E 17 13.08 10.02 13.75
N LYS E 18 12.59 8.92 14.29
CA LYS E 18 13.47 7.84 14.74
C LYS E 18 14.25 7.25 13.56
N HIS E 19 13.59 7.14 12.43
CA HIS E 19 14.19 6.49 11.27
C HIS E 19 15.21 7.37 10.56
N VAL E 20 14.91 8.64 10.36
CA VAL E 20 15.74 9.47 9.49
C VAL E 20 16.88 10.18 10.22
N PHE E 21 16.70 10.49 11.51
CA PHE E 21 17.75 11.15 12.27
C PHE E 21 18.70 10.15 12.93
N ASN F 6 -1.40 23.96 15.40
CA ASN F 6 -0.64 22.89 14.78
C ASN F 6 0.84 23.26 14.62
N PHE F 7 1.30 24.22 15.41
CA PHE F 7 2.66 24.73 15.26
C PHE F 7 3.71 23.63 15.39
N ASP F 8 3.62 22.81 16.42
CA ASP F 8 4.65 21.80 16.65
C ASP F 8 4.63 20.79 15.52
N ILE F 9 3.45 20.40 15.04
CA ILE F 9 3.39 19.48 13.90
C ILE F 9 4.07 20.10 12.68
N LEU F 10 3.75 21.34 12.39
CA LEU F 10 4.33 22.00 11.23
C LEU F 10 5.84 22.12 11.37
N LYS F 11 6.32 22.41 12.57
CA LYS F 11 7.75 22.55 12.76
C LYS F 11 8.44 21.19 12.67
N ARG F 12 7.80 20.14 13.16
CA ARG F 12 8.35 18.79 13.02
C ARG F 12 8.45 18.40 11.54
N LEU F 13 7.42 18.73 10.75
CA LEU F 13 7.47 18.47 9.32
C LEU F 13 8.60 19.23 8.66
N SER F 14 8.75 20.49 9.02
CA SER F 14 9.82 21.31 8.44
CA SER F 14 9.82 21.33 8.48
C SER F 14 11.20 20.74 8.78
N ASN F 15 11.40 20.33 10.02
CA ASN F 15 12.69 19.76 10.42
C ASN F 15 12.97 18.49 9.64
N LEU F 16 11.95 17.66 9.45
CA LEU F 16 12.12 16.44 8.69
C LEU F 16 12.44 16.75 7.22
N GLU F 17 11.72 17.70 6.63
CA GLU F 17 11.96 18.06 5.24
C GLU F 17 13.35 18.62 5.03
N LYS F 18 13.81 19.45 5.95
CA LYS F 18 15.15 20.01 5.84
C LYS F 18 16.20 18.91 5.87
N HIS F 19 15.98 17.89 6.69
CA HIS F 19 16.94 16.82 6.83
C HIS F 19 16.90 15.88 5.62
N VAL F 20 15.72 15.41 5.26
CA VAL F 20 15.55 14.39 4.25
C VAL F 20 15.72 14.95 2.82
N PHE F 21 15.22 16.18 2.60
CA PHE F 21 15.22 16.80 1.27
C PHE F 21 16.21 17.96 1.18
N GLY F 22 16.94 18.23 2.25
CA GLY F 22 17.87 19.34 2.27
C GLY F 22 18.95 19.15 1.23
N THR G 5 -28.06 -9.60 -8.55
CA THR G 5 -27.14 -9.05 -9.54
C THR G 5 -26.00 -8.27 -8.89
N ASN G 6 -26.35 -7.44 -7.90
CA ASN G 6 -25.33 -6.76 -7.11
C ASN G 6 -24.41 -7.78 -6.46
N PHE G 7 -24.91 -9.00 -6.25
CA PHE G 7 -24.07 -10.06 -5.70
C PHE G 7 -23.08 -10.65 -6.70
N ASP G 8 -23.46 -10.75 -7.97
CA ASP G 8 -22.48 -11.14 -8.99
C ASP G 8 -21.40 -10.08 -9.06
N ILE G 9 -21.79 -8.81 -8.95
CA ILE G 9 -20.83 -7.72 -8.93
C ILE G 9 -19.86 -7.84 -7.74
N LEU G 10 -20.38 -8.01 -6.53
CA LEU G 10 -19.54 -8.15 -5.35
C LEU G 10 -18.59 -9.33 -5.46
N LYS G 11 -19.09 -10.45 -5.98
CA LYS G 11 -18.26 -11.64 -6.14
C LYS G 11 -17.12 -11.37 -7.11
N ARG G 12 -17.45 -10.71 -8.22
CA ARG G 12 -16.44 -10.39 -9.20
C ARG G 12 -15.42 -9.42 -8.63
N LEU G 13 -15.87 -8.45 -7.83
CA LEU G 13 -14.92 -7.54 -7.19
C LEU G 13 -13.99 -8.28 -6.23
N SER G 14 -14.50 -9.16 -5.41
CA SER G 14 -13.66 -9.90 -4.47
C SER G 14 -12.65 -10.76 -5.23
N ASN G 15 -13.08 -11.37 -6.33
CA ASN G 15 -12.19 -12.16 -7.17
CA ASN G 15 -12.19 -12.16 -7.17
C ASN G 15 -11.10 -11.32 -7.80
N LEU G 16 -11.45 -10.14 -8.29
CA LEU G 16 -10.46 -9.22 -8.85
C LEU G 16 -9.43 -8.84 -7.81
N GLU G 17 -9.92 -8.47 -6.62
CA GLU G 17 -9.03 -8.04 -5.57
C GLU G 17 -8.08 -9.15 -5.14
N LYS G 18 -8.58 -10.38 -5.04
CA LYS G 18 -7.73 -11.51 -4.69
C LYS G 18 -6.68 -11.75 -5.77
N HIS G 19 -7.09 -11.70 -7.03
CA HIS G 19 -6.15 -11.94 -8.11
C HIS G 19 -5.05 -10.88 -8.16
N VAL G 20 -5.40 -9.60 -7.96
CA VAL G 20 -4.41 -8.54 -7.98
C VAL G 20 -3.52 -8.61 -6.74
N PHE G 21 -4.09 -8.70 -5.54
CA PHE G 21 -3.33 -8.48 -4.31
C PHE G 21 -3.05 -9.71 -3.47
N GLY G 22 -3.75 -10.81 -3.70
CA GLY G 22 -3.49 -12.01 -2.94
C GLY G 22 -2.14 -12.62 -3.28
N SER G 23 -1.49 -13.24 -2.30
CA SER G 23 -0.22 -13.91 -2.55
C SER G 23 -0.39 -15.07 -3.51
N LYS G 24 0.52 -15.16 -4.48
CA LYS G 24 0.54 -16.30 -5.39
C LYS G 24 1.14 -17.55 -4.74
N LEU G 25 1.63 -17.43 -3.50
CA LEU G 25 2.14 -18.59 -2.76
C LEU G 25 1.02 -19.41 -2.14
N TYR G 26 -0.20 -18.88 -2.17
CA TYR G 26 -1.35 -19.56 -1.56
C TYR G 26 -2.18 -20.30 -2.62
N ASP G 27 -2.29 -21.62 -2.47
CA ASP G 27 -3.06 -22.44 -3.39
C ASP G 27 -4.56 -22.16 -3.26
N GLY H 1 -29.37 -2.85 -10.35
CA GLY H 1 -30.31 -1.76 -10.13
C GLY H 1 -29.93 -0.52 -10.89
N SER H 2 -30.61 0.59 -10.62
CA SER H 2 -30.33 1.81 -11.35
C SER H 2 -28.93 2.34 -11.08
N MET H 3 -28.35 2.11 -9.90
CA MET H 3 -26.97 2.55 -9.68
C MET H 3 -26.07 1.86 -10.71
N ALA H 4 -26.24 0.55 -10.89
CA ALA H 4 -25.38 -0.17 -11.81
C ALA H 4 -25.54 0.33 -13.25
N THR H 5 -26.76 0.70 -13.60
CA THR H 5 -27.00 1.25 -14.92
C THR H 5 -26.35 2.62 -15.05
N ASN H 6 -26.56 3.47 -14.06
CA ASN H 6 -26.11 4.84 -14.13
C ASN H 6 -24.60 4.99 -14.11
N PHE H 7 -23.92 4.03 -13.51
CA PHE H 7 -22.46 4.06 -13.41
C PHE H 7 -21.75 3.05 -14.31
N ASP H 8 -22.48 2.44 -15.24
CA ASP H 8 -21.86 1.56 -16.25
C ASP H 8 -21.06 0.46 -15.60
N ILE H 9 -21.57 -0.10 -14.51
CA ILE H 9 -20.77 -1.01 -13.72
C ILE H 9 -20.38 -2.26 -14.45
N LEU H 10 -21.31 -2.88 -15.16
CA LEU H 10 -20.98 -4.15 -15.80
C LEU H 10 -19.93 -3.97 -16.90
N LYS H 11 -20.03 -2.89 -17.67
CA LYS H 11 -19.03 -2.57 -18.68
C LYS H 11 -17.66 -2.38 -18.02
N ARG H 12 -17.62 -1.61 -16.94
CA ARG H 12 -16.37 -1.31 -16.28
C ARG H 12 -15.75 -2.54 -15.62
N LEU H 13 -16.59 -3.38 -15.02
CA LEU H 13 -16.11 -4.60 -14.40
C LEU H 13 -15.49 -5.51 -15.44
N SER H 14 -16.17 -5.64 -16.57
CA SER H 14 -15.70 -6.47 -17.67
C SER H 14 -14.36 -5.98 -18.18
N ASN H 15 -14.21 -4.67 -18.34
CA ASN H 15 -12.94 -4.15 -18.82
C ASN H 15 -11.80 -4.39 -17.81
N LEU H 16 -12.08 -4.19 -16.53
CA LEU H 16 -11.08 -4.49 -15.52
C LEU H 16 -10.63 -5.93 -15.58
N GLU H 17 -11.59 -6.84 -15.71
CA GLU H 17 -11.27 -8.25 -15.78
C GLU H 17 -10.37 -8.56 -16.97
N LYS H 18 -10.65 -7.93 -18.10
CA LYS H 18 -9.83 -8.15 -19.28
C LYS H 18 -8.38 -7.75 -19.01
N HIS H 19 -8.16 -6.61 -18.36
CA HIS H 19 -6.81 -6.18 -18.04
C HIS H 19 -6.16 -7.08 -17.02
N VAL H 20 -6.87 -7.33 -15.92
CA VAL H 20 -6.29 -8.07 -14.82
C VAL H 20 -5.99 -9.52 -15.21
N PHE H 21 -6.97 -10.20 -15.76
CA PHE H 21 -6.77 -11.60 -16.07
C PHE H 21 -6.04 -11.77 -17.42
N GLY H 22 -6.18 -10.82 -18.32
CA GLY H 22 -5.49 -10.88 -19.61
C GLY H 22 -3.99 -10.66 -19.48
N SER H 23 -3.59 -9.83 -18.53
CA SER H 23 -2.16 -9.60 -18.28
C SER H 23 -1.47 -10.89 -17.87
N MET I 3 -1.17 3.56 8.75
CA MET I 3 0.18 3.99 8.45
C MET I 3 1.05 3.99 9.71
N ALA I 4 0.47 4.45 10.82
CA ALA I 4 1.18 4.43 12.09
C ALA I 4 1.61 3.01 12.48
N THR I 5 0.81 2.02 12.11
CA THR I 5 1.01 0.62 12.50
C THR I 5 1.83 -0.17 11.46
N ASN I 6 2.03 0.41 10.28
CA ASN I 6 2.71 -0.26 9.17
C ASN I 6 4.16 0.15 8.99
N PHE I 7 4.71 0.89 9.96
CA PHE I 7 6.06 1.41 9.82
CA PHE I 7 6.06 1.41 9.86
C PHE I 7 7.09 0.31 9.62
N ASP I 8 7.06 -0.73 10.45
CA ASP I 8 8.05 -1.81 10.32
C ASP I 8 7.86 -2.57 9.01
N ILE I 9 6.61 -2.78 8.62
CA ILE I 9 6.32 -3.41 7.35
C ILE I 9 6.94 -2.64 6.19
N LEU I 10 6.75 -1.32 6.21
CA LEU I 10 7.26 -0.50 5.12
C LEU I 10 8.79 -0.46 5.11
N LYS I 11 9.41 -0.39 6.28
CA LYS I 11 10.87 -0.45 6.37
C LYS I 11 11.38 -1.74 5.77
N ARG I 12 10.74 -2.85 6.10
CA ARG I 12 11.17 -4.16 5.63
C ARG I 12 10.93 -4.33 4.14
N LEU I 13 9.82 -3.83 3.62
CA LEU I 13 9.56 -3.85 2.19
CA LEU I 13 9.54 -3.84 2.21
C LEU I 13 10.61 -3.08 1.42
N SER I 14 10.88 -1.87 1.89
CA SER I 14 11.85 -1.02 1.23
C SER I 14 13.22 -1.68 1.20
N ASN I 15 13.62 -2.23 2.34
CA ASN I 15 14.90 -2.91 2.45
C ASN I 15 14.99 -4.12 1.52
N LEU I 16 13.94 -4.91 1.44
CA LEU I 16 13.92 -6.05 0.52
C LEU I 16 14.07 -5.56 -0.92
N GLU I 17 13.34 -4.52 -1.30
CA GLU I 17 13.47 -4.00 -2.66
C GLU I 17 14.89 -3.53 -2.96
N LYS I 18 15.52 -2.88 -1.99
CA LYS I 18 16.87 -2.41 -2.20
C LYS I 18 17.79 -3.56 -2.56
N HIS I 19 17.63 -4.67 -1.87
CA HIS I 19 18.49 -5.82 -2.10
C HIS I 19 18.10 -6.60 -3.35
N VAL I 20 16.83 -6.66 -3.68
CA VAL I 20 16.35 -7.47 -4.79
C VAL I 20 16.42 -6.70 -6.12
N PHE I 21 15.95 -5.46 -6.13
CA PHE I 21 15.86 -4.66 -7.36
C PHE I 21 16.86 -3.52 -7.44
N GLY I 22 17.36 -3.08 -6.31
CA GLY I 22 18.17 -1.88 -6.24
C GLY I 22 19.60 -2.10 -6.68
N SER I 23 20.30 -0.99 -6.90
CA SER I 23 21.69 -1.01 -7.26
C SER I 23 22.56 -1.30 -6.04
N LYS I 24 23.73 -1.86 -6.28
CA LYS I 24 24.77 -1.99 -5.26
C LYS I 24 25.82 -0.89 -5.33
N LEU I 25 25.71 0.01 -6.30
CA LEU I 25 26.81 0.92 -6.63
C LEU I 25 26.89 2.16 -5.77
N TYR I 26 25.81 2.50 -5.09
CA TYR I 26 25.67 3.81 -4.45
C TYR I 26 25.63 3.73 -2.94
C1 GOL J . -1.33 27.84 16.22
O1 GOL J . -0.21 27.01 16.01
C2 GOL J . -2.09 28.00 14.91
O2 GOL J . -2.29 29.38 14.65
C3 GOL J . -3.44 27.29 14.97
O3 GOL J . -3.24 25.92 15.26
H11 GOL J . -1.02 28.81 16.60
H12 GOL J . -1.99 27.38 16.97
HO1 GOL J . -0.46 26.27 15.42
H2 GOL J . -1.50 27.57 14.11
HO2 GOL J . -2.80 29.78 15.39
H31 GOL J . -3.95 27.39 14.01
H32 GOL J . -4.06 27.75 15.74
HO3 GOL J . -4.12 25.48 15.37
C1 GOL K . 15.97 -2.87 8.56
O1 GOL K . 17.15 -2.86 7.77
C2 GOL K . 14.81 -3.51 7.81
O2 GOL K . 13.65 -3.44 8.62
C3 GOL K . 15.13 -4.96 7.51
O3 GOL K . 14.29 -5.81 8.25
H11 GOL K . 15.71 -1.86 8.85
H12 GOL K . 16.17 -3.44 9.48
HO1 GOL K . 17.92 -2.76 8.35
H2 GOL K . 14.64 -2.98 6.86
HO2 GOL K . 13.83 -3.92 9.45
H31 GOL K . 16.18 -5.15 7.78
H32 GOL K . 15.01 -5.16 6.44
HO3 GOL K . 14.47 -6.74 8.02
#